data_3QQV
#
_entry.id   3QQV
#
_cell.length_a   123.636
_cell.length_b   123.636
_cell.length_c   51.820
_cell.angle_alpha   90.00
_cell.angle_beta   90.00
_cell.angle_gamma   120.00
#
_symmetry.space_group_name_H-M   'P 31 2 1'
#
loop_
_entity.id
_entity.type
_entity.pdbx_description
1 polymer 'Geranylgeranyl pyrophosphate synthase'
2 non-polymer 'MAGNESIUM ION'
3 non-polymer 'DIMETHYLALLYL DIPHOSPHATE'
4 non-polymer 'UNKNOWN LIGAND'
5 non-polymer GLYCEROL
6 water water
#
_entity_poly.entity_id   1
_entity_poly.type   'polypeptide(L)'
_entity_poly.pdbx_seq_one_letter_code
;(MSE)SLKDVSLSSFDAHDLDLDKFPEVVRDRLTQFLDAQELTIADIGAPVTDAVAHLRSFVLNGGKRIRPLYAWAGFLA
AQGHKNSSEKLESVLDAAASLEFIQACALIHDDIIDSSDTRRGAPTVHRAVEADHRANNFEGDPEHFGVSVSILAGD
(MSE)ALVWAED(MSE)LQDSGLSAEALARTRDAWRG(MSE)RTEVIGGQLLDIYLESHANESVELADSVNRFKTAAYTI
ARPLHLGASIAGGSPQLIDALLHYGHDIGIAFQLRDDLLGVFGDPAITGKPAGDDIREGKRTVLLALALQRADKQSPEAA
TAIRAGVGKVTSPEDIAVITEHIRATGAEEEVEQRISQLTESGLAHLDDVDIPDEVRAQLRALAIRSTERREGHHHHHH
;
_entity_poly.pdbx_strand_id   A
#
loop_
_chem_comp.id
_chem_comp.type
_chem_comp.name
_chem_comp.formula
DMA non-polymer 'DIMETHYLALLYL DIPHOSPHATE' 'C5 H12 O7 P2'
GOL non-polymer GLYCEROL 'C3 H8 O3'
MG non-polymer 'MAGNESIUM ION' 'Mg 2'
UNL non-polymer 'UNKNOWN LIGAND' ?
#
# COMPACT_ATOMS: atom_id res chain seq x y z
N LEU A 16 4.97 13.88 15.60
CA LEU A 16 4.63 15.29 15.96
C LEU A 16 3.93 16.04 14.82
N ASP A 17 4.28 15.70 13.58
CA ASP A 17 3.75 16.39 12.40
C ASP A 17 3.54 15.45 11.21
N LEU A 18 2.42 15.62 10.51
CA LEU A 18 2.06 14.79 9.35
C LEU A 18 2.97 15.02 8.14
N ASP A 19 3.46 16.25 8.00
CA ASP A 19 4.29 16.63 6.85
C ASP A 19 5.79 16.44 7.12
N LYS A 20 6.19 16.50 8.39
CA LYS A 20 7.60 16.35 8.76
C LYS A 20 8.00 14.89 9.04
N PHE A 21 7.04 14.06 9.45
CA PHE A 21 7.31 12.65 9.74
C PHE A 21 7.95 11.82 8.60
N PRO A 22 7.49 11.97 7.33
CA PRO A 22 8.12 11.25 6.20
C PRO A 22 9.64 11.49 6.04
N GLU A 23 10.11 12.64 6.50
CA GLU A 23 11.53 12.98 6.43
C GLU A 23 12.29 12.24 7.50
N VAL A 24 11.64 12.05 8.65
CA VAL A 24 12.21 11.26 9.73
C VAL A 24 12.31 9.79 9.29
N VAL A 25 11.27 9.32 8.60
CA VAL A 25 11.22 7.97 8.04
C VAL A 25 12.38 7.75 7.06
N ARG A 26 12.58 8.73 6.16
CA ARG A 26 13.69 8.70 5.20
C ARG A 26 15.05 8.64 5.89
N ASP A 27 15.20 9.35 7.01
CA ASP A 27 16.43 9.30 7.82
C ASP A 27 16.71 7.96 8.47
N ARG A 28 15.65 7.30 8.93
CA ARG A 28 15.80 6.00 9.56
C ARG A 28 16.20 4.97 8.50
N LEU A 29 15.55 5.07 7.34
CA LEU A 29 15.82 4.21 6.20
C LEU A 29 17.23 4.37 5.61
N THR A 30 17.69 5.60 5.50
CA THR A 30 19.01 5.90 5.00
C THR A 30 20.06 5.33 5.92
N GLN A 31 19.82 5.45 7.21
CA GLN A 31 20.71 4.92 8.20
C GLN A 31 20.82 3.40 8.07
N PHE A 32 19.69 2.74 7.88
CA PHE A 32 19.69 1.31 7.75
C PHE A 32 20.36 0.84 6.49
N LEU A 33 20.05 1.47 5.38
CA LEU A 33 20.65 1.11 4.11
C LEU A 33 22.17 1.29 4.07
N ASP A 34 22.66 2.39 4.64
CA ASP A 34 24.10 2.63 4.81
C ASP A 34 24.76 1.52 5.58
N ALA A 35 24.08 1.05 6.63
CA ALA A 35 24.59 0.00 7.50
C ALA A 35 24.75 -1.37 6.82
N GLN A 36 24.09 -1.54 5.67
CA GLN A 36 24.13 -2.78 4.89
C GLN A 36 25.23 -2.79 3.85
N GLU A 37 25.78 -1.60 3.55
CA GLU A 37 26.70 -1.42 2.41
C GLU A 37 27.94 -2.31 2.42
N LEU A 38 28.59 -2.45 3.58
CA LEU A 38 29.78 -3.30 3.72
C LEU A 38 29.51 -4.79 3.48
N THR A 39 28.42 -5.31 4.04
CA THR A 39 27.99 -6.70 3.83
C THR A 39 27.67 -6.98 2.36
N ILE A 40 26.93 -6.06 1.75
CA ILE A 40 26.59 -6.16 0.33
C ILE A 40 27.87 -6.06 -0.55
N ALA A 41 28.81 -5.21 -0.14
CA ALA A 41 30.08 -5.05 -0.87
C ALA A 41 30.95 -6.30 -0.78
N ASP A 42 31.03 -6.89 0.42
CA ASP A 42 31.73 -8.16 0.65
C ASP A 42 31.21 -9.29 -0.27
N ILE A 43 29.95 -9.22 -0.67
CA ILE A 43 29.40 -10.19 -1.62
C ILE A 43 29.84 -9.83 -3.04
N GLY A 44 29.70 -8.55 -3.39
CA GLY A 44 30.24 -8.07 -4.65
C GLY A 44 29.55 -6.86 -5.25
N ALA A 45 30.32 -6.14 -6.07
CA ALA A 45 29.85 -4.95 -6.79
C ALA A 45 28.52 -5.08 -7.57
N PRO A 46 28.25 -6.22 -8.23
CA PRO A 46 26.91 -6.33 -8.83
C PRO A 46 25.72 -6.36 -7.85
N VAL A 47 25.95 -6.81 -6.60
CA VAL A 47 24.89 -6.82 -5.59
C VAL A 47 24.65 -5.38 -5.11
N THR A 48 25.74 -4.61 -4.99
CA THR A 48 25.65 -3.17 -4.75
C THR A 48 24.77 -2.48 -5.79
N ASP A 49 24.99 -2.79 -7.07
CA ASP A 49 24.17 -2.26 -8.17
C ASP A 49 22.69 -2.63 -8.05
N ALA A 50 22.43 -3.87 -7.64
CA ALA A 50 21.06 -4.34 -7.42
C ALA A 50 20.41 -3.62 -6.24
N VAL A 51 21.13 -3.53 -5.12
CA VAL A 51 20.63 -2.89 -3.90
C VAL A 51 20.41 -1.36 -4.09
N ALA A 52 21.25 -0.73 -4.91
CA ALA A 52 21.09 0.70 -5.25
C ALA A 52 19.73 1.02 -5.89
N HIS A 53 19.22 0.10 -6.71
CA HIS A 53 17.87 0.19 -7.27
C HIS A 53 16.77 0.05 -6.22
N LEU A 54 17.03 -0.74 -5.18
CA LEU A 54 16.10 -0.88 -4.08
C LEU A 54 16.20 0.37 -3.21
N ARG A 55 17.42 0.82 -2.95
CA ARG A 55 17.67 2.04 -2.20
C ARG A 55 16.91 3.25 -2.76
N SER A 56 16.99 3.44 -4.08
CA SER A 56 16.34 4.59 -4.72
C SER A 56 14.81 4.46 -4.68
N PHE A 57 14.33 3.23 -4.87
CA PHE A 57 12.90 2.95 -4.82
C PHE A 57 12.34 3.23 -3.43
N VAL A 58 13.10 2.86 -2.40
CA VAL A 58 12.70 3.02 -1.01
C VAL A 58 12.85 4.48 -0.54
N LEU A 59 13.99 5.11 -0.87
CA LEU A 59 14.30 6.46 -0.41
C LEU A 59 13.51 7.58 -1.07
N ASN A 60 13.10 7.37 -2.32
CA ASN A 60 12.22 8.32 -3.02
C ASN A 60 10.78 7.82 -2.93
N GLY A 61 10.33 7.57 -1.71
CA GLY A 61 9.09 6.85 -1.47
C GLY A 61 7.85 7.70 -1.58
N GLY A 62 6.71 7.09 -1.22
CA GLY A 62 5.42 7.77 -1.27
C GLY A 62 5.18 8.69 -0.09
N LYS A 63 4.01 8.55 0.52
CA LYS A 63 3.57 9.46 1.59
C LYS A 63 4.01 8.98 2.97
N ARG A 64 4.58 7.76 3.01
CA ARG A 64 4.96 7.06 4.23
C ARG A 64 3.76 6.88 5.18
N ILE A 65 2.62 6.49 4.60
CA ILE A 65 1.36 6.36 5.32
C ILE A 65 1.41 5.31 6.43
N ARG A 66 2.06 4.18 6.15
CA ARG A 66 2.14 3.08 7.12
C ARG A 66 2.99 3.40 8.36
N PRO A 67 4.22 3.97 8.20
CA PRO A 67 4.94 4.43 9.39
C PRO A 67 4.21 5.54 10.15
N LEU A 68 3.49 6.39 9.43
CA LEU A 68 2.68 7.46 10.03
C LEU A 68 1.63 6.91 10.98
N TYR A 69 0.87 5.91 10.49
CA TYR A 69 -0.13 5.24 11.31
C TYR A 69 0.47 4.46 12.48
N ALA A 70 1.62 3.81 12.28
CA ALA A 70 2.31 3.16 13.39
C ALA A 70 2.70 4.16 14.47
N TRP A 71 3.22 5.32 14.05
CA TRP A 71 3.61 6.38 14.98
C TRP A 71 2.39 6.95 15.72
N ALA A 72 1.30 7.16 14.98
CA ALA A 72 0.03 7.61 15.58
C ALA A 72 -0.50 6.62 16.61
N GLY A 73 -0.40 5.33 16.31
CA GLY A 73 -0.82 4.26 17.20
C GLY A 73 -0.01 4.25 18.49
N PHE A 74 1.30 4.45 18.34
CA PHE A 74 2.20 4.63 19.48
C PHE A 74 1.79 5.83 20.34
N LEU A 75 1.51 6.95 19.70
CA LEU A 75 1.14 8.17 20.42
C LEU A 75 -0.27 8.09 21.04
N ALA A 76 -1.21 7.45 20.34
CA ALA A 76 -2.56 7.23 20.88
C ALA A 76 -2.55 6.43 22.18
N ALA A 77 -1.59 5.51 22.29
CA ALA A 77 -1.42 4.70 23.49
C ALA A 77 -0.61 5.40 24.59
N GLN A 78 -0.30 6.69 24.37
CA GLN A 78 0.47 7.54 25.30
C GLN A 78 1.89 7.05 25.52
N GLY A 79 2.60 6.82 24.43
CA GLY A 79 3.98 6.36 24.48
C GLY A 79 4.99 7.44 24.85
N HIS A 80 4.74 8.67 24.41
CA HIS A 80 5.63 9.82 24.68
C HIS A 80 5.69 10.21 26.17
N LYS A 81 4.73 9.69 26.94
CA LYS A 81 4.70 9.90 28.39
C LYS A 81 5.08 8.64 29.16
N ASN A 82 4.50 7.50 28.78
CA ASN A 82 4.62 6.25 29.55
C ASN A 82 5.72 5.29 29.11
N SER A 83 6.09 5.32 27.83
CA SER A 83 7.02 4.32 27.29
C SER A 83 8.47 4.58 27.63
N SER A 84 9.15 3.53 28.07
CA SER A 84 10.58 3.56 28.32
C SER A 84 11.37 2.89 27.18
N GLU A 85 10.74 2.77 26.02
CA GLU A 85 11.45 2.36 24.81
C GLU A 85 12.20 3.57 24.27
N LYS A 86 13.38 3.36 23.71
CA LYS A 86 14.15 4.42 23.05
C LYS A 86 13.38 4.95 21.87
N LEU A 87 13.43 6.27 21.65
CA LEU A 87 12.76 6.92 20.54
C LEU A 87 13.20 6.38 19.17
N GLU A 88 14.52 6.22 19.00
CA GLU A 88 15.10 5.72 17.76
C GLU A 88 14.58 4.34 17.41
N SER A 89 14.44 3.49 18.43
CA SER A 89 13.92 2.13 18.30
C SER A 89 12.46 2.10 17.81
N VAL A 90 11.64 2.99 18.34
CA VAL A 90 10.24 3.08 17.94
C VAL A 90 10.12 3.57 16.49
N LEU A 91 10.95 4.56 16.13
CA LEU A 91 10.96 5.10 14.78
C LEU A 91 11.44 4.10 13.73
N ASP A 92 12.44 3.29 14.08
CA ASP A 92 12.92 2.22 13.19
C ASP A 92 11.86 1.14 12.98
N ALA A 93 11.14 0.79 14.05
CA ALA A 93 10.01 -0.13 13.94
C ALA A 93 8.93 0.42 13.02
N ALA A 94 8.62 1.70 13.16
CA ALA A 94 7.64 2.36 12.29
C ALA A 94 8.14 2.40 10.85
N ALA A 95 9.41 2.77 10.68
CA ALA A 95 10.02 2.89 9.35
C ALA A 95 10.18 1.54 8.62
N SER A 96 10.40 0.45 9.38
CA SER A 96 10.50 -0.91 8.79
C SER A 96 9.35 -1.29 7.83
N LEU A 97 8.17 -0.70 8.04
CA LEU A 97 7.01 -0.97 7.19
C LEU A 97 7.24 -0.57 5.73
N GLU A 98 8.12 0.40 5.52
CA GLU A 98 8.49 0.81 4.16
C GLU A 98 9.22 -0.28 3.37
N PHE A 99 9.92 -1.16 4.08
CA PHE A 99 10.55 -2.32 3.43
C PHE A 99 9.54 -3.39 3.02
N ILE A 100 8.49 -3.57 3.83
CA ILE A 100 7.38 -4.44 3.43
C ILE A 100 6.65 -3.87 2.21
N GLN A 101 6.40 -2.56 2.26
CA GLN A 101 5.83 -1.84 1.12
C GLN A 101 6.66 -2.00 -0.13
N ALA A 102 7.97 -1.80 -0.02
CA ALA A 102 8.89 -2.01 -1.13
C ALA A 102 8.72 -3.42 -1.74
N CYS A 103 8.74 -4.44 -0.89
CA CYS A 103 8.55 -5.82 -1.33
C CYS A 103 7.24 -5.99 -2.10
N ALA A 104 6.15 -5.58 -1.46
CA ALA A 104 4.80 -5.61 -2.01
C ALA A 104 4.67 -4.89 -3.35
N LEU A 105 5.21 -3.67 -3.45
CA LEU A 105 5.09 -2.87 -4.67
C LEU A 105 5.95 -3.41 -5.83
N ILE A 106 7.21 -3.74 -5.55
CA ILE A 106 8.12 -4.32 -6.55
C ILE A 106 7.55 -5.61 -7.15
N HIS A 107 7.02 -6.49 -6.30
CA HIS A 107 6.44 -7.75 -6.75
C HIS A 107 5.08 -7.57 -7.42
N ASP A 108 4.27 -6.67 -6.86
CA ASP A 108 2.98 -6.30 -7.45
C ASP A 108 3.13 -5.79 -8.88
N ASP A 109 4.18 -5.01 -9.11
CA ASP A 109 4.43 -4.40 -10.41
C ASP A 109 4.88 -5.41 -11.46
N ILE A 110 5.58 -6.47 -11.02
CA ILE A 110 5.90 -7.60 -11.90
C ILE A 110 4.61 -8.33 -12.29
N ILE A 111 3.81 -8.66 -11.28
CA ILE A 111 2.55 -9.41 -11.44
C ILE A 111 1.54 -8.67 -12.33
N ASP A 112 1.34 -7.39 -12.07
CA ASP A 112 0.41 -6.56 -12.85
C ASP A 112 1.02 -6.02 -14.14
N SER A 113 2.31 -6.34 -14.33
CA SER A 113 3.12 -5.90 -15.48
CA SER A 113 3.11 -5.90 -15.49
C SER A 113 2.97 -4.40 -15.81
N SER A 114 3.10 -3.58 -14.77
CA SER A 114 3.04 -2.13 -14.94
CA SER A 114 3.04 -2.12 -14.90
C SER A 114 4.41 -1.55 -15.24
N ASP A 115 4.43 -0.48 -16.03
CA ASP A 115 5.69 0.17 -16.43
C ASP A 115 6.02 1.35 -15.54
N THR A 116 5.01 1.97 -14.94
CA THR A 116 5.16 3.19 -14.15
C THR A 116 4.69 3.01 -12.70
N ARG A 117 5.50 3.49 -11.77
CA ARG A 117 5.18 3.52 -10.34
C ARG A 117 5.75 4.80 -9.74
N ARG A 118 4.89 5.57 -9.07
CA ARG A 118 5.25 6.86 -8.44
C ARG A 118 5.82 7.89 -9.43
N GLY A 119 5.29 7.89 -10.66
CA GLY A 119 5.72 8.82 -11.70
C GLY A 119 7.01 8.44 -12.40
N ALA A 120 7.59 7.32 -12.00
CA ALA A 120 8.91 6.86 -12.47
C ALA A 120 8.82 5.40 -12.96
N PRO A 121 9.83 4.91 -13.70
CA PRO A 121 9.77 3.50 -14.14
C PRO A 121 9.84 2.49 -12.98
N THR A 122 9.03 1.44 -13.09
CA THR A 122 9.02 0.33 -12.14
C THR A 122 10.40 -0.35 -12.07
N VAL A 123 10.72 -0.97 -10.93
CA VAL A 123 12.07 -1.53 -10.70
C VAL A 123 12.51 -2.52 -11.79
N HIS A 124 11.62 -3.42 -12.20
CA HIS A 124 11.92 -4.36 -13.28
C HIS A 124 12.12 -3.68 -14.64
N ARG A 125 11.39 -2.60 -14.89
CA ARG A 125 11.59 -1.82 -16.11
C ARG A 125 12.90 -1.06 -16.08
N ALA A 126 13.28 -0.57 -14.90
CA ALA A 126 14.52 0.19 -14.72
C ALA A 126 15.77 -0.70 -14.80
N VAL A 127 15.68 -1.91 -14.26
CA VAL A 127 16.76 -2.91 -14.34
C VAL A 127 16.93 -3.40 -15.80
N GLU A 128 15.82 -3.53 -16.52
CA GLU A 128 15.80 -3.87 -17.95
C GLU A 128 16.56 -2.84 -18.81
N ALA A 129 16.43 -1.57 -18.44
CA ALA A 129 17.10 -0.46 -19.13
C ALA A 129 18.59 -0.31 -18.77
N ASP A 130 19.01 -0.97 -17.69
CA ASP A 130 20.43 -1.05 -17.34
C ASP A 130 21.15 -2.12 -18.18
N HIS A 131 20.40 -3.10 -18.64
CA HIS A 131 20.92 -4.19 -19.47
C HIS A 131 21.07 -3.78 -20.93
N ARG A 132 20.41 -2.69 -21.31
CA ARG A 132 20.57 -2.10 -22.64
C ARG A 132 21.87 -1.31 -22.74
N ALA A 133 22.25 -0.68 -21.62
CA ALA A 133 23.50 0.09 -21.54
C ALA A 133 24.73 -0.82 -21.45
N ASN A 134 24.53 -2.06 -20.99
CA ASN A 134 25.62 -3.05 -20.89
C ASN A 134 25.83 -3.86 -22.17
N ASN A 135 24.75 -4.04 -22.94
CA ASN A 135 24.71 -4.87 -24.16
C ASN A 135 25.17 -6.32 -23.95
N PHE A 136 24.72 -6.92 -22.84
CA PHE A 136 25.19 -8.23 -22.42
C PHE A 136 24.23 -9.39 -22.75
N GLU A 137 24.62 -10.60 -22.35
CA GLU A 137 23.94 -11.85 -22.70
C GLU A 137 22.59 -12.04 -22.00
N GLY A 138 21.59 -12.52 -22.74
CA GLY A 138 20.30 -12.87 -22.17
C GLY A 138 19.22 -11.83 -22.35
N ASP A 139 17.96 -12.26 -22.22
CA ASP A 139 16.78 -11.41 -22.34
C ASP A 139 16.71 -10.40 -21.18
N PRO A 140 16.77 -9.08 -21.51
CA PRO A 140 16.78 -8.03 -20.48
C PRO A 140 15.47 -7.91 -19.70
N GLU A 141 14.36 -8.30 -20.32
CA GLU A 141 13.04 -8.23 -19.70
C GLU A 141 12.87 -9.26 -18.59
N HIS A 142 13.32 -10.49 -18.86
CA HIS A 142 13.31 -11.58 -17.88
C HIS A 142 14.34 -11.30 -16.78
N PHE A 143 15.47 -10.69 -17.15
CA PHE A 143 16.52 -10.31 -16.21
C PHE A 143 16.05 -9.23 -15.23
N GLY A 144 15.28 -8.26 -15.73
CA GLY A 144 14.70 -7.20 -14.92
C GLY A 144 13.74 -7.75 -13.89
N VAL A 145 12.85 -8.63 -14.33
CA VAL A 145 11.94 -9.38 -13.47
C VAL A 145 12.72 -10.21 -12.43
N SER A 146 13.77 -10.89 -12.88
CA SER A 146 14.63 -11.72 -12.02
C SER A 146 15.28 -10.95 -10.88
N VAL A 147 15.98 -9.87 -11.20
CA VAL A 147 16.59 -9.00 -10.19
C VAL A 147 15.53 -8.40 -9.23
N SER A 148 14.34 -8.15 -9.75
CA SER A 148 13.28 -7.50 -8.97
C SER A 148 12.59 -8.44 -7.99
N ILE A 149 12.44 -9.71 -8.37
CA ILE A 149 11.99 -10.73 -7.45
C ILE A 149 12.93 -10.77 -6.23
N LEU A 150 14.23 -10.82 -6.48
CA LEU A 150 15.24 -10.84 -5.43
C LEU A 150 15.37 -9.52 -4.66
N ALA A 151 15.17 -8.39 -5.35
CA ALA A 151 15.18 -7.07 -4.71
C ALA A 151 14.05 -6.98 -3.69
N GLY A 152 12.88 -7.47 -4.08
CA GLY A 152 11.73 -7.57 -3.17
C GLY A 152 11.97 -8.49 -1.98
N ASP A 153 12.64 -9.63 -2.22
CA ASP A 153 12.96 -10.59 -1.16
C ASP A 153 13.90 -9.98 -0.13
N MSE A 154 14.91 -9.26 -0.63
CA MSE A 154 15.84 -8.51 0.21
C MSE A 154 15.12 -7.45 1.06
O MSE A 154 15.42 -7.29 2.23
CB MSE A 154 16.91 -7.86 -0.65
CG MSE A 154 18.08 -7.30 0.11
SE MSE A 154 19.19 -8.71 0.92
CE MSE A 154 20.50 -8.97 -0.53
N ALA A 155 14.16 -6.76 0.45
CA ALA A 155 13.38 -5.74 1.15
C ALA A 155 12.59 -6.35 2.31
N LEU A 156 11.94 -7.48 2.04
CA LEU A 156 11.16 -8.20 3.03
C LEU A 156 12.03 -8.71 4.20
N VAL A 157 13.19 -9.24 3.87
CA VAL A 157 14.17 -9.68 4.86
C VAL A 157 14.71 -8.49 5.69
N TRP A 158 14.86 -7.35 5.05
CA TRP A 158 15.33 -6.15 5.73
C TRP A 158 14.26 -5.49 6.63
N ALA A 159 13.00 -5.62 6.25
CA ALA A 159 11.88 -5.21 7.13
C ALA A 159 11.96 -5.91 8.47
N GLU A 160 12.13 -7.23 8.45
N GLU A 160 12.13 -7.22 8.44
CA GLU A 160 12.23 -8.05 9.65
CA GLU A 160 12.24 -8.05 9.62
C GLU A 160 13.45 -7.67 10.46
C GLU A 160 13.46 -7.70 10.45
N ASP A 161 14.60 -7.52 9.79
CA ASP A 161 15.85 -7.13 10.47
C ASP A 161 15.74 -5.75 11.15
N MSE A 162 15.16 -4.79 10.43
CA MSE A 162 15.02 -3.40 10.93
C MSE A 162 14.17 -3.33 12.20
O MSE A 162 14.51 -2.60 13.14
CB MSE A 162 14.46 -2.49 9.86
CG MSE A 162 14.75 -1.00 10.13
SE MSE A 162 14.18 0.10 8.70
CE MSE A 162 14.63 1.84 9.46
N LEU A 163 13.08 -4.09 12.21
CA LEU A 163 12.30 -4.32 13.42
C LEU A 163 13.11 -5.05 14.52
N GLN A 164 13.63 -6.24 14.20
CA GLN A 164 14.31 -7.06 15.22
C GLN A 164 15.56 -6.43 15.84
N ASP A 165 16.33 -5.68 15.03
CA ASP A 165 17.54 -5.02 15.51
C ASP A 165 17.31 -3.54 15.85
N SER A 166 16.04 -3.15 16.03
CA SER A 166 15.68 -1.75 16.31
C SER A 166 16.19 -1.24 17.67
N GLY A 167 16.39 -2.16 18.60
CA GLY A 167 16.75 -1.81 19.98
C GLY A 167 15.53 -1.76 20.89
N LEU A 168 14.36 -2.12 20.34
CA LEU A 168 13.16 -2.31 21.15
C LEU A 168 13.44 -3.46 22.10
N SER A 169 12.98 -3.32 23.34
CA SER A 169 13.16 -4.37 24.34
C SER A 169 12.46 -5.66 23.93
N ALA A 170 12.88 -6.75 24.56
CA ALA A 170 12.30 -8.07 24.39
C ALA A 170 10.80 -8.08 24.69
N GLU A 171 10.40 -7.30 25.70
CA GLU A 171 8.99 -7.12 26.06
C GLU A 171 8.21 -6.47 24.92
N ALA A 172 8.74 -5.36 24.39
CA ALA A 172 8.09 -4.65 23.30
C ALA A 172 7.99 -5.50 22.04
N LEU A 173 9.06 -6.21 21.70
CA LEU A 173 9.08 -7.09 20.54
C LEU A 173 8.07 -8.23 20.65
N ALA A 174 7.89 -8.76 21.86
CA ALA A 174 6.89 -9.80 22.08
C ALA A 174 5.48 -9.26 21.88
N ARG A 175 5.24 -8.02 22.31
CA ARG A 175 3.95 -7.36 22.09
C ARG A 175 3.64 -7.09 20.59
N THR A 176 4.68 -6.90 19.77
CA THR A 176 4.49 -6.62 18.33
C THR A 176 3.96 -7.82 17.54
N ARG A 177 4.07 -9.02 18.09
CA ARG A 177 3.82 -10.25 17.35
C ARG A 177 2.45 -10.33 16.67
N ASP A 178 1.40 -9.99 17.40
CA ASP A 178 0.03 -10.11 16.84
C ASP A 178 -0.18 -9.22 15.62
N ALA A 179 0.22 -7.96 15.73
CA ALA A 179 0.09 -7.04 14.61
C ALA A 179 0.98 -7.45 13.45
N TRP A 180 2.23 -7.80 13.76
CA TRP A 180 3.25 -8.09 12.76
C TRP A 180 2.96 -9.40 12.01
N ARG A 181 2.61 -10.45 12.76
CA ARG A 181 2.22 -11.74 12.18
C ARG A 181 0.96 -11.57 11.34
N GLY A 182 -0.03 -10.88 11.91
CA GLY A 182 -1.29 -10.61 11.21
C GLY A 182 -1.06 -9.91 9.88
N MSE A 183 -0.41 -8.75 9.93
CA MSE A 183 -0.17 -7.91 8.78
C MSE A 183 0.45 -8.61 7.56
O MSE A 183 -0.01 -8.42 6.42
CB MSE A 183 0.75 -6.75 9.17
CG MSE A 183 0.93 -5.69 8.11
SE MSE A 183 2.08 -4.30 8.83
CE MSE A 183 3.59 -5.47 9.16
N ARG A 184 1.52 -9.34 7.79
CA ARG A 184 2.31 -9.90 6.69
C ARG A 184 1.62 -11.07 5.97
N THR A 185 0.88 -11.90 6.71
CA THR A 185 0.06 -12.96 6.12
C THR A 185 -1.12 -12.34 5.35
N GLU A 186 -1.77 -11.37 5.99
CA GLU A 186 -2.93 -10.65 5.43
C GLU A 186 -2.61 -9.93 4.11
N VAL A 187 -1.48 -9.25 4.04
CA VAL A 187 -1.10 -8.56 2.79
C VAL A 187 -0.79 -9.51 1.61
N ILE A 188 -0.01 -10.56 1.87
CA ILE A 188 0.34 -11.53 0.84
C ILE A 188 -0.89 -12.37 0.47
N GLY A 189 -1.68 -12.74 1.48
CA GLY A 189 -2.95 -13.43 1.27
C GLY A 189 -3.91 -12.62 0.40
N GLY A 190 -4.04 -11.32 0.72
CA GLY A 190 -4.85 -10.40 -0.07
C GLY A 190 -4.37 -10.22 -1.50
N GLN A 191 -3.07 -10.16 -1.70
CA GLN A 191 -2.47 -10.16 -3.05
C GLN A 191 -2.71 -11.43 -3.86
N LEU A 192 -2.78 -12.56 -3.15
CA LEU A 192 -3.09 -13.85 -3.78
C LEU A 192 -4.54 -13.90 -4.21
N LEU A 193 -5.45 -13.47 -3.32
CA LEU A 193 -6.87 -13.39 -3.64
C LEU A 193 -7.15 -12.44 -4.82
N ASP A 194 -6.38 -11.35 -4.90
CA ASP A 194 -6.52 -10.36 -5.96
C ASP A 194 -6.30 -10.95 -7.35
N ILE A 195 -5.21 -11.72 -7.51
CA ILE A 195 -4.87 -12.27 -8.82
C ILE A 195 -5.70 -13.49 -9.21
N TYR A 196 -6.27 -14.17 -8.21
CA TYR A 196 -7.25 -15.23 -8.45
C TYR A 196 -8.60 -14.67 -8.89
N LEU A 197 -8.90 -13.43 -8.49
CA LEU A 197 -10.07 -12.73 -8.99
C LEU A 197 -9.82 -12.24 -10.42
N GLU A 198 -8.61 -11.76 -10.70
CA GLU A 198 -8.22 -11.33 -12.03
C GLU A 198 -8.21 -12.47 -13.05
N SER A 199 -7.79 -13.66 -12.61
CA SER A 199 -7.72 -14.83 -13.48
C SER A 199 -9.10 -15.42 -13.75
N HIS A 200 -9.96 -15.45 -12.74
CA HIS A 200 -11.32 -15.97 -12.90
C HIS A 200 -12.31 -14.94 -13.42
N ALA A 201 -11.80 -13.76 -13.79
CA ALA A 201 -12.60 -12.59 -14.21
C ALA A 201 -13.83 -12.36 -13.32
N ASN A 202 -13.58 -12.37 -12.01
CA ASN A 202 -14.65 -12.37 -11.00
C ASN A 202 -15.39 -11.02 -10.92
N GLU A 203 -16.65 -11.09 -10.55
CA GLU A 203 -17.55 -9.93 -10.57
C GLU A 203 -18.37 -9.79 -9.29
N SER A 204 -18.05 -10.60 -8.27
CA SER A 204 -18.73 -10.48 -6.98
CA SER A 204 -18.71 -10.50 -6.96
C SER A 204 -18.10 -9.34 -6.18
N VAL A 205 -18.96 -8.53 -5.58
CA VAL A 205 -18.53 -7.38 -4.79
C VAL A 205 -17.82 -7.90 -3.53
N GLU A 206 -18.42 -8.93 -2.92
CA GLU A 206 -17.95 -9.51 -1.66
C GLU A 206 -16.54 -10.09 -1.70
N LEU A 207 -16.13 -10.65 -2.82
CA LEU A 207 -14.76 -11.14 -2.96
C LEU A 207 -13.75 -10.01 -3.16
N ALA A 208 -14.15 -8.98 -3.90
CA ALA A 208 -13.34 -7.76 -4.04
C ALA A 208 -13.23 -6.99 -2.71
N ASP A 209 -14.30 -7.04 -1.91
CA ASP A 209 -14.34 -6.52 -0.54
C ASP A 209 -13.25 -7.16 0.34
N SER A 210 -13.15 -8.49 0.29
CA SER A 210 -12.15 -9.24 1.06
C SER A 210 -10.72 -8.83 0.71
N VAL A 211 -10.47 -8.61 -0.58
CA VAL A 211 -9.19 -8.08 -1.05
C VAL A 211 -8.89 -6.71 -0.43
N ASN A 212 -9.88 -5.82 -0.42
CA ASN A 212 -9.70 -4.50 0.17
C ASN A 212 -9.40 -4.57 1.67
N ARG A 213 -10.13 -5.44 2.36
CA ARG A 213 -9.96 -5.71 3.78
C ARG A 213 -8.55 -6.21 4.15
N PHE A 214 -8.02 -7.16 3.38
CA PHE A 214 -6.76 -7.82 3.72
C PHE A 214 -5.52 -7.23 3.03
N LYS A 215 -5.60 -7.01 1.71
CA LYS A 215 -4.50 -6.46 0.92
C LYS A 215 -4.25 -4.97 1.24
N THR A 216 -5.30 -4.25 1.64
CA THR A 216 -5.15 -2.82 1.91
C THR A 216 -5.43 -2.41 3.36
N ALA A 217 -6.67 -2.59 3.83
CA ALA A 217 -7.08 -2.08 5.15
C ALA A 217 -6.18 -2.55 6.31
N ALA A 218 -6.03 -3.86 6.44
CA ALA A 218 -5.20 -4.45 7.50
C ALA A 218 -3.77 -3.91 7.39
N TYR A 219 -3.23 -4.05 6.19
CA TYR A 219 -1.86 -3.74 5.90
C TYR A 219 -1.51 -2.25 5.95
N THR A 220 -2.42 -1.40 5.49
CA THR A 220 -2.11 0.02 5.31
C THR A 220 -2.40 0.83 6.55
N ILE A 221 -3.50 0.49 7.24
CA ILE A 221 -3.95 1.33 8.35
C ILE A 221 -4.14 0.57 9.68
N ALA A 222 -4.94 -0.49 9.68
CA ALA A 222 -5.30 -1.20 10.90
C ALA A 222 -4.11 -1.82 11.65
N ARG A 223 -3.30 -2.60 10.94
CA ARG A 223 -2.13 -3.22 11.56
C ARG A 223 -0.96 -2.27 11.92
N PRO A 224 -0.67 -1.26 11.08
CA PRO A 224 0.29 -0.24 11.56
C PRO A 224 -0.12 0.41 12.90
N LEU A 225 -1.38 0.83 13.01
CA LEU A 225 -1.92 1.34 14.28
C LEU A 225 -1.78 0.35 15.42
N HIS A 226 -2.13 -0.90 15.16
CA HIS A 226 -2.00 -1.99 16.13
C HIS A 226 -0.53 -2.16 16.57
N LEU A 227 0.38 -2.17 15.59
CA LEU A 227 1.80 -2.31 15.86
C LEU A 227 2.31 -1.20 16.80
N GLY A 228 2.04 0.04 16.43
CA GLY A 228 2.42 1.21 17.25
C GLY A 228 1.85 1.15 18.66
N ALA A 229 0.56 0.87 18.76
CA ALA A 229 -0.10 0.79 20.07
C ALA A 229 0.46 -0.33 20.94
N SER A 230 0.78 -1.46 20.31
CA SER A 230 1.40 -2.60 20.99
C SER A 230 2.81 -2.29 21.52
N ILE A 231 3.60 -1.55 20.76
CA ILE A 231 4.93 -1.11 21.22
C ILE A 231 4.81 -0.27 22.50
N ALA A 232 3.79 0.59 22.54
CA ALA A 232 3.51 1.42 23.71
C ALA A 232 2.86 0.66 24.87
N GLY A 233 2.40 -0.57 24.61
CA GLY A 233 1.71 -1.36 25.63
C GLY A 233 0.28 -0.86 25.83
N GLY A 234 -0.37 -0.47 24.73
CA GLY A 234 -1.76 0.01 24.76
C GLY A 234 -2.74 -1.05 25.22
N SER A 235 -3.80 -0.62 25.90
CA SER A 235 -4.83 -1.52 26.41
C SER A 235 -5.61 -2.16 25.25
N PRO A 236 -6.24 -3.33 25.49
CA PRO A 236 -7.10 -3.94 24.46
C PRO A 236 -8.25 -3.07 23.97
N GLN A 237 -8.71 -2.15 24.81
CA GLN A 237 -9.80 -1.24 24.48
C GLN A 237 -9.34 -0.15 23.52
N LEU A 238 -8.13 0.37 23.75
CA LEU A 238 -7.54 1.35 22.85
C LEU A 238 -7.28 0.70 21.47
N ILE A 239 -6.64 -0.46 21.50
CA ILE A 239 -6.30 -1.21 20.28
C ILE A 239 -7.57 -1.53 19.46
N ASP A 240 -8.64 -1.91 20.14
CA ASP A 240 -9.91 -2.21 19.49
C ASP A 240 -10.45 -1.03 18.69
N ALA A 241 -10.49 0.14 19.33
CA ALA A 241 -10.94 1.37 18.67
C ALA A 241 -10.07 1.73 17.46
N LEU A 242 -8.75 1.60 17.61
CA LEU A 242 -7.82 1.86 16.51
C LEU A 242 -8.00 0.85 15.36
N LEU A 243 -8.22 -0.42 15.70
CA LEU A 243 -8.44 -1.44 14.68
C LEU A 243 -9.76 -1.23 13.91
N HIS A 244 -10.79 -0.80 14.63
CA HIS A 244 -12.07 -0.44 14.02
C HIS A 244 -11.97 0.77 13.10
N TYR A 245 -11.25 1.81 13.56
CA TYR A 245 -10.94 2.98 12.75
C TYR A 245 -10.18 2.51 11.50
N GLY A 246 -9.18 1.67 11.69
CA GLY A 246 -8.34 1.20 10.60
C GLY A 246 -9.03 0.36 9.53
N HIS A 247 -9.94 -0.49 9.97
CA HIS A 247 -10.81 -1.27 9.08
C HIS A 247 -11.61 -0.36 8.13
N ASP A 248 -12.39 0.54 8.71
CA ASP A 248 -13.26 1.44 7.95
C ASP A 248 -12.50 2.42 7.06
N ILE A 249 -11.55 3.16 7.64
CA ILE A 249 -10.74 4.12 6.90
C ILE A 249 -9.91 3.40 5.84
N GLY A 250 -9.43 2.19 6.18
CA GLY A 250 -8.59 1.41 5.25
C GLY A 250 -9.32 0.94 4.01
N ILE A 251 -10.55 0.47 4.20
CA ILE A 251 -11.40 0.08 3.06
C ILE A 251 -11.73 1.30 2.18
N ALA A 252 -12.15 2.39 2.83
CA ALA A 252 -12.43 3.66 2.15
C ALA A 252 -11.22 4.16 1.38
N PHE A 253 -10.04 4.02 1.98
CA PHE A 253 -8.77 4.37 1.33
C PHE A 253 -8.57 3.62 0.01
N GLN A 254 -8.83 2.32 0.02
CA GLN A 254 -8.73 1.51 -1.18
C GLN A 254 -9.78 1.90 -2.22
N LEU A 255 -11.02 2.09 -1.78
CA LEU A 255 -12.10 2.54 -2.66
C LEU A 255 -11.77 3.87 -3.32
N ARG A 256 -11.16 4.80 -2.57
CA ARG A 256 -10.69 6.06 -3.13
C ARG A 256 -9.61 5.83 -4.19
N ASP A 257 -8.68 4.91 -3.91
CA ASP A 257 -7.61 4.63 -4.84
C ASP A 257 -8.08 3.92 -6.10
N ASP A 258 -9.12 3.11 -5.98
CA ASP A 258 -9.82 2.54 -7.14
C ASP A 258 -10.42 3.60 -8.05
N LEU A 259 -11.10 4.60 -7.44
CA LEU A 259 -11.64 5.72 -8.20
C LEU A 259 -10.54 6.53 -8.85
N LEU A 260 -9.48 6.82 -8.09
CA LEU A 260 -8.32 7.52 -8.63
C LEU A 260 -7.62 6.74 -9.74
N GLY A 261 -7.61 5.40 -9.63
CA GLY A 261 -7.01 4.52 -10.64
C GLY A 261 -7.76 4.53 -11.97
N VAL A 262 -8.96 5.11 -11.98
CA VAL A 262 -9.77 5.26 -13.18
C VAL A 262 -9.95 6.74 -13.55
N PHE A 263 -10.38 7.55 -12.59
CA PHE A 263 -10.75 8.96 -12.84
C PHE A 263 -9.73 9.99 -12.39
N GLY A 264 -8.61 9.54 -11.83
CA GLY A 264 -7.63 10.48 -11.30
C GLY A 264 -6.58 10.86 -12.34
N ASP A 265 -6.09 12.11 -12.23
CA ASP A 265 -4.98 12.63 -13.02
C ASP A 265 -3.68 11.87 -12.67
N PRO A 266 -2.83 11.59 -13.70
CA PRO A 266 -1.53 10.92 -13.50
C PRO A 266 -0.59 11.59 -12.50
N ALA A 267 -0.68 12.92 -12.38
CA ALA A 267 0.09 13.67 -11.39
C ALA A 267 -0.26 13.30 -9.93
N ILE A 268 -1.49 12.85 -9.72
CA ILE A 268 -1.97 12.43 -8.39
C ILE A 268 -1.63 10.95 -8.13
N THR A 269 -1.77 10.12 -9.16
CA THR A 269 -1.66 8.66 -9.02
C THR A 269 -0.24 8.11 -9.24
N GLY A 270 0.56 8.84 -10.03
CA GLY A 270 1.88 8.36 -10.43
C GLY A 270 1.82 7.58 -11.73
N LYS A 271 0.81 6.71 -11.84
CA LYS A 271 0.58 5.86 -13.00
C LYS A 271 -0.05 6.66 -14.15
N PRO A 272 -0.05 6.12 -15.39
CA PRO A 272 -0.82 6.77 -16.48
C PRO A 272 -2.33 6.66 -16.27
N ALA A 273 -3.08 7.61 -16.84
CA ALA A 273 -4.54 7.70 -16.67
C ALA A 273 -5.27 6.42 -17.03
N GLY A 274 -6.01 5.88 -16.07
CA GLY A 274 -6.83 4.69 -16.25
C GLY A 274 -6.06 3.39 -16.33
N ASP A 275 -4.91 3.33 -15.66
CA ASP A 275 -4.04 2.14 -15.68
C ASP A 275 -4.71 0.91 -15.10
N ASP A 276 -5.65 1.11 -14.16
CA ASP A 276 -6.45 0.00 -13.63
C ASP A 276 -7.29 -0.71 -14.69
N ILE A 277 -7.70 0.03 -15.72
CA ILE A 277 -8.39 -0.57 -16.88
C ILE A 277 -7.42 -1.39 -17.74
N ARG A 278 -6.24 -0.81 -18.00
CA ARG A 278 -5.13 -1.51 -18.70
C ARG A 278 -4.79 -2.83 -18.00
N GLU A 279 -4.54 -2.75 -16.69
CA GLU A 279 -4.22 -3.92 -15.86
C GLU A 279 -5.42 -4.85 -15.69
N GLY A 280 -6.63 -4.30 -15.78
CA GLY A 280 -7.86 -5.09 -15.65
C GLY A 280 -8.13 -5.51 -14.21
N LYS A 281 -7.90 -4.59 -13.28
CA LYS A 281 -8.04 -4.86 -11.85
C LYS A 281 -9.51 -5.05 -11.47
N ARG A 282 -9.78 -6.06 -10.66
CA ARG A 282 -11.16 -6.39 -10.29
C ARG A 282 -11.60 -5.63 -9.03
N THR A 283 -11.80 -4.32 -9.21
CA THR A 283 -12.19 -3.43 -8.13
C THR A 283 -13.66 -3.61 -7.79
N VAL A 284 -14.09 -3.03 -6.66
CA VAL A 284 -15.51 -2.96 -6.30
C VAL A 284 -16.26 -2.08 -7.31
N LEU A 285 -15.62 -0.99 -7.75
CA LEU A 285 -16.15 -0.11 -8.79
C LEU A 285 -16.54 -0.88 -10.06
N LEU A 286 -15.62 -1.71 -10.57
CA LEU A 286 -15.85 -2.53 -11.77
C LEU A 286 -16.96 -3.56 -11.58
N ALA A 287 -16.97 -4.21 -10.42
CA ALA A 287 -17.99 -5.19 -10.06
C ALA A 287 -19.39 -4.58 -10.05
N LEU A 288 -19.51 -3.41 -9.43
CA LEU A 288 -20.76 -2.66 -9.41
C LEU A 288 -21.14 -2.16 -10.81
N ALA A 289 -20.14 -1.69 -11.56
CA ALA A 289 -20.34 -1.19 -12.93
C ALA A 289 -20.87 -2.27 -13.86
N LEU A 290 -20.27 -3.47 -13.81
CA LEU A 290 -20.72 -4.60 -14.63
C LEU A 290 -22.09 -5.11 -14.22
N GLN A 291 -22.34 -5.13 -12.91
CA GLN A 291 -23.65 -5.50 -12.34
C GLN A 291 -24.75 -4.56 -12.80
N ARG A 292 -24.43 -3.28 -12.89
CA ARG A 292 -25.38 -2.25 -13.29
C ARG A 292 -25.64 -2.27 -14.79
N ALA A 293 -24.56 -2.35 -15.56
CA ALA A 293 -24.61 -2.38 -17.02
C ALA A 293 -25.30 -3.62 -17.61
N ASP A 294 -25.40 -4.70 -16.83
CA ASP A 294 -26.17 -5.90 -17.23
C ASP A 294 -27.66 -5.60 -17.20
N LYS A 295 -28.06 -4.75 -16.26
CA LYS A 295 -29.46 -4.34 -16.12
C LYS A 295 -29.78 -3.04 -16.87
N GLN A 296 -28.81 -2.47 -17.56
CA GLN A 296 -28.98 -1.18 -18.23
C GLN A 296 -28.77 -1.24 -19.74
N SER A 297 -27.59 -1.70 -20.14
CA SER A 297 -27.23 -1.74 -21.55
C SER A 297 -26.25 -2.89 -21.78
N PRO A 298 -26.76 -4.04 -22.27
CA PRO A 298 -25.96 -5.22 -22.61
C PRO A 298 -24.78 -4.90 -23.53
N GLU A 299 -24.95 -3.95 -24.45
CA GLU A 299 -23.87 -3.47 -25.30
C GLU A 299 -22.75 -2.81 -24.47
N ALA A 300 -23.12 -2.03 -23.45
CA ALA A 300 -22.16 -1.35 -22.59
C ALA A 300 -21.38 -2.32 -21.69
N ALA A 301 -22.10 -3.29 -21.11
CA ALA A 301 -21.50 -4.35 -20.30
C ALA A 301 -20.46 -5.15 -21.08
N THR A 302 -20.81 -5.50 -22.31
CA THR A 302 -19.94 -6.23 -23.23
C THR A 302 -18.72 -5.39 -23.61
N ALA A 303 -18.94 -4.10 -23.85
CA ALA A 303 -17.86 -3.16 -24.15
C ALA A 303 -16.84 -3.10 -23.00
N ILE A 304 -17.35 -3.03 -21.77
CA ILE A 304 -16.52 -3.01 -20.57
C ILE A 304 -15.76 -4.33 -20.40
N ARG A 305 -16.49 -5.46 -20.48
CA ARG A 305 -15.91 -6.81 -20.38
C ARG A 305 -14.81 -7.13 -21.39
N ALA A 306 -14.96 -6.66 -22.63
CA ALA A 306 -13.96 -6.87 -23.67
C ALA A 306 -12.76 -5.94 -23.48
N GLY A 307 -13.00 -4.79 -22.85
CA GLY A 307 -11.98 -3.77 -22.65
C GLY A 307 -11.01 -4.06 -21.53
N VAL A 308 -11.54 -4.44 -20.36
CA VAL A 308 -10.72 -4.57 -19.14
C VAL A 308 -9.63 -5.65 -19.22
N GLY A 309 -8.39 -5.22 -19.03
CA GLY A 309 -7.24 -6.12 -19.08
C GLY A 309 -6.73 -6.40 -20.49
N LYS A 310 -7.20 -5.61 -21.46
CA LYS A 310 -6.85 -5.81 -22.86
C LYS A 310 -6.47 -4.54 -23.62
N VAL A 311 -7.31 -3.50 -23.53
CA VAL A 311 -7.08 -2.25 -24.25
C VAL A 311 -5.91 -1.46 -23.66
N THR A 312 -5.25 -0.65 -24.50
CA THR A 312 -4.04 0.05 -24.08
C THR A 312 -3.99 1.53 -24.49
N SER A 313 -4.62 1.86 -25.61
CA SER A 313 -4.63 3.23 -26.12
C SER A 313 -5.49 4.13 -25.23
N PRO A 314 -5.05 5.39 -24.98
CA PRO A 314 -5.77 6.38 -24.19
C PRO A 314 -7.25 6.53 -24.56
N GLU A 315 -7.54 6.44 -25.87
CA GLU A 315 -8.88 6.60 -26.39
CA GLU A 315 -8.87 6.60 -26.41
C GLU A 315 -9.80 5.44 -26.02
N ASP A 316 -9.25 4.22 -26.03
CA ASP A 316 -10.02 3.03 -25.69
C ASP A 316 -10.27 2.91 -24.18
N ILE A 317 -9.34 3.43 -23.38
CA ILE A 317 -9.47 3.44 -21.91
C ILE A 317 -10.60 4.39 -21.51
N ALA A 318 -10.61 5.57 -22.13
CA ALA A 318 -11.61 6.60 -21.87
C ALA A 318 -13.04 6.16 -22.18
N VAL A 319 -13.20 5.38 -23.26
CA VAL A 319 -14.51 4.85 -23.67
C VAL A 319 -15.05 3.88 -22.63
N ILE A 320 -14.20 2.93 -22.19
CA ILE A 320 -14.55 2.00 -21.11
C ILE A 320 -14.92 2.78 -19.85
N THR A 321 -14.10 3.78 -19.53
CA THR A 321 -14.26 4.61 -18.34
C THR A 321 -15.62 5.34 -18.33
N GLU A 322 -15.98 5.96 -19.44
CA GLU A 322 -17.26 6.63 -19.56
C GLU A 322 -18.45 5.67 -19.50
N HIS A 323 -18.30 4.47 -20.08
CA HIS A 323 -19.28 3.40 -19.87
C HIS A 323 -19.43 3.05 -18.38
N ILE A 324 -18.31 2.93 -17.67
CA ILE A 324 -18.33 2.68 -16.21
C ILE A 324 -19.02 3.83 -15.46
N ARG A 325 -18.63 5.07 -15.73
CA ARG A 325 -19.26 6.23 -15.10
C ARG A 325 -20.77 6.30 -15.38
N ALA A 326 -21.16 6.00 -16.63
CA ALA A 326 -22.57 6.04 -17.03
C ALA A 326 -23.46 5.03 -16.30
N THR A 327 -22.86 4.02 -15.66
CA THR A 327 -23.63 3.06 -14.85
C THR A 327 -24.17 3.62 -13.55
N GLY A 328 -23.54 4.67 -13.04
CA GLY A 328 -23.86 5.18 -11.70
C GLY A 328 -23.04 4.52 -10.60
N ALA A 329 -22.05 3.69 -10.97
CA ALA A 329 -21.25 2.93 -10.01
C ALA A 329 -20.35 3.82 -9.17
N GLU A 330 -19.79 4.84 -9.81
CA GLU A 330 -18.89 5.79 -9.15
C GLU A 330 -19.54 6.49 -7.95
N GLU A 331 -20.78 6.92 -8.13
CA GLU A 331 -21.54 7.57 -7.06
C GLU A 331 -21.79 6.64 -5.89
N GLU A 332 -22.03 5.36 -6.20
CA GLU A 332 -22.26 4.37 -5.16
C GLU A 332 -21.00 4.13 -4.33
N VAL A 333 -19.84 4.13 -4.99
CA VAL A 333 -18.55 4.01 -4.32
C VAL A 333 -18.26 5.24 -3.44
N GLU A 334 -18.53 6.43 -3.98
CA GLU A 334 -18.40 7.68 -3.23
C GLU A 334 -19.24 7.70 -1.94
N GLN A 335 -20.48 7.21 -2.02
CA GLN A 335 -21.35 7.08 -0.85
C GLN A 335 -20.78 6.14 0.21
N ARG A 336 -20.23 5.02 -0.23
CA ARG A 336 -19.60 4.05 0.65
C ARG A 336 -18.38 4.63 1.34
N ILE A 337 -17.56 5.37 0.59
CA ILE A 337 -16.39 6.08 1.14
C ILE A 337 -16.80 7.04 2.25
N SER A 338 -17.84 7.84 1.98
CA SER A 338 -18.34 8.81 2.95
CA SER A 338 -18.37 8.80 2.93
C SER A 338 -18.89 8.13 4.20
N GLN A 339 -19.63 7.04 4.02
CA GLN A 339 -20.19 6.27 5.11
C GLN A 339 -19.10 5.67 5.99
N LEU A 340 -18.08 5.10 5.35
CA LEU A 340 -16.98 4.45 6.05
C LEU A 340 -16.06 5.44 6.77
N THR A 341 -15.85 6.61 6.16
CA THR A 341 -15.09 7.68 6.79
C THR A 341 -15.79 8.13 8.07
N GLU A 342 -17.11 8.34 7.98
CA GLU A 342 -17.90 8.77 9.12
C GLU A 342 -17.91 7.75 10.28
N SER A 343 -18.07 6.46 9.96
CA SER A 343 -18.05 5.43 11.00
C SER A 343 -16.63 5.19 11.56
N GLY A 344 -15.62 5.34 10.71
CA GLY A 344 -14.23 5.21 11.13
C GLY A 344 -13.82 6.26 12.14
N LEU A 345 -14.09 7.52 11.82
CA LEU A 345 -13.84 8.66 12.72
C LEU A 345 -14.57 8.53 14.05
N ALA A 346 -15.78 8.00 14.02
CA ALA A 346 -16.61 7.82 15.22
C ALA A 346 -15.98 6.88 16.25
N HIS A 347 -15.21 5.90 15.79
CA HIS A 347 -14.53 4.94 16.68
C HIS A 347 -13.43 5.56 17.55
N LEU A 348 -12.92 6.73 17.15
CA LEU A 348 -11.93 7.46 17.91
C LEU A 348 -12.52 8.07 19.19
N ASP A 349 -13.85 8.14 19.26
CA ASP A 349 -14.56 8.70 20.40
C ASP A 349 -14.94 7.62 21.42
N ASP A 350 -14.61 6.37 21.12
CA ASP A 350 -14.98 5.24 21.95
C ASP A 350 -14.02 4.97 23.12
N VAL A 351 -12.93 5.72 23.15
CA VAL A 351 -11.88 5.51 24.14
C VAL A 351 -11.17 6.84 24.38
N ASP A 352 -10.41 6.92 25.47
CA ASP A 352 -9.63 8.10 25.78
C ASP A 352 -8.32 8.14 24.96
N ILE A 353 -8.28 9.07 24.02
CA ILE A 353 -7.12 9.34 23.19
C ILE A 353 -6.78 10.82 23.39
N PRO A 354 -5.49 11.15 23.58
CA PRO A 354 -5.09 12.56 23.66
C PRO A 354 -5.60 13.39 22.48
N ASP A 355 -6.08 14.60 22.80
CA ASP A 355 -6.70 15.52 21.83
C ASP A 355 -5.89 15.72 20.54
N GLU A 356 -4.59 15.94 20.71
CA GLU A 356 -3.68 16.20 19.60
C GLU A 356 -3.62 15.02 18.60
N VAL A 357 -3.55 13.80 19.15
CA VAL A 357 -3.46 12.58 18.34
C VAL A 357 -4.78 12.28 17.62
N ARG A 358 -5.90 12.45 18.34
CA ARG A 358 -7.24 12.30 17.77
C ARG A 358 -7.44 13.23 16.58
N ALA A 359 -7.03 14.49 16.74
CA ALA A 359 -7.03 15.48 15.65
C ALA A 359 -6.17 15.07 14.45
N GLN A 360 -5.01 14.47 14.70
CA GLN A 360 -4.13 13.99 13.63
C GLN A 360 -4.70 12.76 12.95
N LEU A 361 -5.26 11.85 13.74
CA LEU A 361 -5.97 10.69 13.22
C LEU A 361 -7.17 11.08 12.35
N ARG A 362 -7.88 12.14 12.74
CA ARG A 362 -8.99 12.66 11.93
C ARG A 362 -8.52 13.22 10.60
N ALA A 363 -7.48 14.07 10.64
CA ALA A 363 -6.92 14.64 9.42
C ALA A 363 -6.26 13.60 8.50
N LEU A 364 -5.68 12.56 9.10
CA LEU A 364 -5.10 11.46 8.31
C LEU A 364 -6.17 10.71 7.54
N ALA A 365 -7.27 10.39 8.24
CA ALA A 365 -8.43 9.75 7.65
C ALA A 365 -9.00 10.57 6.49
N ILE A 366 -9.28 11.84 6.76
CA ILE A 366 -9.86 12.73 5.73
C ILE A 366 -8.96 12.86 4.51
N ARG A 367 -7.65 13.07 4.73
CA ARG A 367 -6.67 13.06 3.64
C ARG A 367 -6.60 11.72 2.88
N SER A 368 -6.77 10.61 3.59
CA SER A 368 -6.72 9.28 2.96
C SER A 368 -7.94 8.98 2.09
N THR A 369 -9.12 9.37 2.56
CA THR A 369 -10.36 8.94 1.92
C THR A 369 -11.00 9.99 1.02
N GLU A 370 -10.78 11.27 1.34
CA GLU A 370 -11.45 12.35 0.62
C GLU A 370 -10.49 13.35 -0.01
N ARG A 371 -9.57 13.89 0.78
CA ARG A 371 -8.77 15.06 0.37
C ARG A 371 -7.42 14.69 -0.28
N ARG A 372 -7.40 14.65 -1.60
CA ARG A 372 -6.16 14.40 -2.35
C ARG A 372 -5.72 15.67 -3.09
MG MG B . -2.03 -5.51 -7.69
MG MG C . -0.59 -2.79 -8.97
C1 DMA D . -0.15 1.54 -2.33
O1 DMA D . -0.17 2.40 -1.20
C2 DMA D . -1.55 1.44 -2.83
C3 DMA D . -2.40 0.57 -2.33
C4 DMA D . -2.00 -0.33 -1.24
C5 DMA D . -3.79 0.53 -2.87
PA DMA D . 0.41 3.84 -1.20
O1A DMA D . 0.56 4.19 0.22
O2A DMA D . -0.54 4.57 -2.02
O3A DMA D . 1.84 3.78 -1.93
PB DMA D . 3.11 4.69 -1.72
O1B DMA D . 3.55 4.93 -3.09
O2B DMA D . 4.07 3.88 -0.95
O3B DMA D . 2.71 5.87 -0.96
C1 DMA E . -0.55 -2.86 -4.56
O1 DMA E . -1.59 -3.53 -5.24
C2 DMA E . 0.09 -3.84 -3.61
C3 DMA E . -0.39 -3.97 -2.38
C4 DMA E . -1.58 -3.18 -1.98
C5 DMA E . 0.18 -4.92 -1.39
PA DMA E . -2.45 -2.79 -6.34
O1A DMA E . -1.97 -3.23 -7.68
O2A DMA E . -3.82 -2.93 -5.85
O3A DMA E . -1.97 -1.32 -5.99
PB DMA E . -1.36 -0.41 -7.08
O1B DMA E . -0.82 0.69 -6.27
O2B DMA E . -2.54 -0.06 -7.89
O3B DMA E . -0.43 -1.21 -7.88
N UNL F . -16.53 16.13 -1.99
CA UNL F . -16.39 14.92 -2.86
CB UNL F . -15.56 13.84 -2.16
CG UNL F . -14.05 14.04 -2.27
CD UNL F . -13.48 13.37 -3.51
NE UNL F . -12.02 13.47 -3.57
CZ UNL F . -11.28 13.27 -4.66
NH1 UNL F . -9.95 13.39 -4.58
NH2 UNL F . -11.84 12.95 -5.82
C UNL F . -17.75 14.35 -3.30
O UNL F . -18.21 13.30 -2.84
OXT UNL F . -18.41 14.94 -4.16
C1 GOL G . 8.35 -2.69 28.72
O1 GOL G . 7.41 -3.64 29.14
C2 GOL G . 7.60 -1.47 28.21
O2 GOL G . 8.08 -1.15 26.92
C3 GOL G . 7.75 -0.31 29.19
O3 GOL G . 7.99 0.90 28.51
#